data_7OQS
#
_entry.id   7OQS
#
_cell.length_a   82.425
_cell.length_b   111.590
_cell.length_c   62.467
_cell.angle_alpha   90.000
_cell.angle_beta   90.000
_cell.angle_gamma   90.000
#
_symmetry.space_group_name_H-M   'C 2 2 21'
#
loop_
_entity.id
_entity.type
_entity.pdbx_description
1 polymer '14-3-3 protein sigma'
2 polymer 'Amot-p130 phosphopeptide (pS175)'
3 non-polymer 2-(1,3-benzodioxol-5-yl)-~{N}-[(5-carbamimidoyl-3-phenyl-thiophen-2-yl)methyl]ethanamide
4 non-polymer 'MAGNESIUM ION'
5 water water
#
loop_
_entity_poly.entity_id
_entity_poly.type
_entity_poly.pdbx_seq_one_letter_code
_entity_poly.pdbx_strand_id
1 'polypeptide(L)'
;GAMGSMERASLIQKAKLAEQAERYEDMAAFMKGAVEKGEELS(CSO)EERNLLSVAYKNVVGGQRAAWRVLSSIEQKSNE
EGSEEKGPEVREYREKVETELQGVCDTVLGLLDSHLIKEAGDAESRVFYLKMKGDYYRYLAEVATGDDKKRIIDSARSAY
QEAMDISKKEMPPTNPIRLGLALNFSVFHYEIANSPEEAISLAKTTFDEAMADLHTLSEDSYKDSTLIMQLLRDNLTLWT
ADNAGEEGGEAPQEPQS
;
A
2 'polypeptide(L)' GHVRSL(SEP)ERLMQM P
#
# COMPACT_ATOMS: atom_id res chain seq x y z
N ALA A 2 -16.61 2.56 -17.86
CA ALA A 2 -17.13 1.44 -18.69
C ALA A 2 -17.85 0.41 -17.84
N MET A 3 -17.68 0.48 -16.53
CA MET A 3 -18.35 -0.44 -15.61
C MET A 3 -19.66 0.13 -15.07
N GLY A 4 -20.06 1.31 -15.52
CA GLY A 4 -21.24 1.95 -14.97
C GLY A 4 -22.53 1.19 -15.23
N SER A 5 -22.56 0.31 -16.23
CA SER A 5 -23.78 -0.41 -16.52
C SER A 5 -23.85 -1.76 -15.82
N MET A 6 -22.83 -2.19 -15.10
CA MET A 6 -22.82 -3.48 -14.41
C MET A 6 -23.25 -3.30 -12.96
N GLU A 7 -24.04 -4.24 -12.47
CA GLU A 7 -24.47 -4.23 -11.08
C GLU A 7 -23.26 -4.28 -10.14
N ARG A 8 -23.38 -3.58 -9.01
CA ARG A 8 -22.33 -3.63 -7.99
C ARG A 8 -21.98 -5.07 -7.61
N ALA A 9 -23.00 -5.90 -7.34
CA ALA A 9 -22.73 -7.25 -6.89
C ALA A 9 -22.01 -8.06 -7.96
N SER A 10 -22.34 -7.80 -9.23
CA SER A 10 -21.68 -8.51 -10.33
C SER A 10 -20.23 -8.07 -10.46
N LEU A 11 -19.94 -6.78 -10.25
CA LEU A 11 -18.56 -6.30 -10.29
C LEU A 11 -17.73 -6.97 -9.21
N ILE A 12 -18.30 -7.12 -8.01
CA ILE A 12 -17.56 -7.76 -6.93
C ILE A 12 -17.33 -9.22 -7.23
N GLN A 13 -18.36 -9.92 -7.73
CA GLN A 13 -18.17 -11.32 -8.09
C GLN A 13 -17.11 -11.48 -9.17
N LYS A 14 -17.13 -10.62 -10.17
CA LYS A 14 -16.12 -10.68 -11.23
C LYS A 14 -14.73 -10.35 -10.71
N ALA A 15 -14.61 -9.43 -9.76
CA ALA A 15 -13.31 -9.17 -9.14
C ALA A 15 -12.77 -10.43 -8.47
N LYS A 16 -13.63 -11.20 -7.80
CA LYS A 16 -13.18 -12.43 -7.15
C LYS A 16 -12.74 -13.46 -8.17
N LEU A 17 -13.47 -13.55 -9.29
CA LEU A 17 -13.06 -14.45 -10.38
C LEU A 17 -11.75 -14.01 -11.01
N ALA A 18 -11.61 -12.70 -11.27
CA ALA A 18 -10.37 -12.18 -11.83
C ALA A 18 -9.19 -12.50 -10.92
N GLU A 19 -9.39 -12.45 -9.61
CA GLU A 19 -8.32 -12.80 -8.68
C GLU A 19 -7.91 -14.25 -8.86
N GLN A 20 -8.89 -15.14 -8.97
CA GLN A 20 -8.57 -16.56 -9.13
C GLN A 20 -7.87 -16.81 -10.45
N ALA A 21 -8.22 -16.06 -11.49
CA ALA A 21 -7.62 -16.16 -12.81
C ALA A 21 -6.31 -15.40 -12.94
N GLU A 22 -5.87 -14.72 -11.87
CA GLU A 22 -4.67 -13.89 -11.91
C GLU A 22 -4.73 -12.80 -12.98
N ARG A 23 -5.91 -12.22 -13.16
CA ARG A 23 -6.18 -11.14 -14.10
C ARG A 23 -6.32 -9.86 -13.29
N TYR A 24 -5.19 -9.33 -12.84
CA TYR A 24 -5.25 -8.25 -11.85
C TYR A 24 -5.67 -6.92 -12.44
N GLU A 25 -5.33 -6.64 -13.71
N GLU A 25 -5.34 -6.64 -13.70
CA GLU A 25 -5.83 -5.43 -14.34
CA GLU A 25 -5.84 -5.43 -14.33
C GLU A 25 -7.35 -5.44 -14.43
C GLU A 25 -7.36 -5.45 -14.41
N ASP A 26 -7.94 -6.58 -14.81
CA ASP A 26 -9.39 -6.70 -14.81
C ASP A 26 -9.93 -6.55 -13.40
N MET A 27 -9.28 -7.19 -12.44
CA MET A 27 -9.73 -7.11 -11.05
C MET A 27 -9.80 -5.66 -10.57
N ALA A 28 -8.77 -4.87 -10.88
CA ALA A 28 -8.74 -3.47 -10.50
C ALA A 28 -9.85 -2.70 -11.19
N ALA A 29 -10.09 -2.96 -12.47
CA ALA A 29 -11.16 -2.26 -13.17
C ALA A 29 -12.53 -2.58 -12.56
N PHE A 30 -12.76 -3.85 -12.19
CA PHE A 30 -14.02 -4.23 -11.57
C PHE A 30 -14.18 -3.54 -10.23
N MET A 31 -13.09 -3.48 -9.43
CA MET A 31 -13.19 -2.87 -8.11
C MET A 31 -13.32 -1.34 -8.20
N LYS A 32 -12.67 -0.71 -9.17
CA LYS A 32 -12.90 0.71 -9.41
C LYS A 32 -14.37 0.95 -9.73
N GLY A 33 -14.94 0.13 -10.62
CA GLY A 33 -16.36 0.22 -10.91
C GLY A 33 -17.21 0.08 -9.66
N ALA A 34 -16.88 -0.87 -8.79
CA ALA A 34 -17.64 -1.06 -7.56
C ALA A 34 -17.54 0.17 -6.66
N VAL A 35 -16.34 0.74 -6.50
CA VAL A 35 -16.18 1.94 -5.67
C VAL A 35 -17.03 3.07 -6.22
N GLU A 36 -17.06 3.22 -7.55
CA GLU A 36 -17.77 4.34 -8.18
C GLU A 36 -19.27 4.21 -8.06
N LYS A 37 -19.80 3.10 -7.59
CA LYS A 37 -21.22 3.02 -7.26
C LYS A 37 -21.59 3.92 -6.09
N GLY A 38 -20.60 4.34 -5.30
CA GLY A 38 -20.83 5.32 -4.27
C GLY A 38 -21.16 4.79 -2.90
N GLU A 39 -21.30 3.49 -2.74
CA GLU A 39 -21.56 2.90 -1.44
C GLU A 39 -20.23 2.61 -0.75
N GLU A 40 -20.23 2.63 0.56
CA GLU A 40 -19.03 2.23 1.30
C GLU A 40 -18.71 0.76 0.98
N LEU A 41 -17.44 0.37 1.20
CA LEU A 41 -16.98 -0.99 0.95
C LEU A 41 -16.88 -1.76 2.26
N SER A 42 -17.21 -3.05 2.21
CA SER A 42 -17.01 -3.96 3.33
C SER A 42 -15.54 -4.33 3.50
N GLU A 44 -14.08 -7.25 3.23
CA GLU A 44 -13.69 -8.11 2.13
C GLU A 44 -13.49 -7.31 0.85
N GLU A 45 -14.39 -6.38 0.59
CA GLU A 45 -14.31 -5.55 -0.62
C GLU A 45 -13.10 -4.62 -0.58
N ARG A 46 -12.75 -4.08 0.58
CA ARG A 46 -11.56 -3.27 0.71
C ARG A 46 -10.33 -4.09 0.39
N ASN A 47 -10.29 -5.32 0.87
CA ASN A 47 -9.17 -6.20 0.56
C ASN A 47 -9.09 -6.54 -0.93
N LEU A 48 -10.24 -6.75 -1.59
CA LEU A 48 -10.20 -6.96 -3.04
C LEU A 48 -9.63 -5.75 -3.76
N LEU A 49 -10.07 -4.55 -3.38
CA LEU A 49 -9.53 -3.33 -3.97
C LEU A 49 -8.02 -3.26 -3.81
N SER A 50 -7.54 -3.51 -2.59
CA SER A 50 -6.12 -3.40 -2.30
C SER A 50 -5.32 -4.46 -3.05
N VAL A 51 -5.78 -5.70 -3.04
CA VAL A 51 -5.06 -6.76 -3.75
C VAL A 51 -4.95 -6.43 -5.23
N ALA A 52 -6.03 -5.94 -5.83
CA ALA A 52 -6.02 -5.70 -7.26
C ALA A 52 -4.97 -4.64 -7.60
N TYR A 53 -5.04 -3.48 -6.95
CA TYR A 53 -4.12 -2.41 -7.31
C TYR A 53 -2.69 -2.72 -6.85
N LYS A 54 -2.50 -3.46 -5.76
CA LYS A 54 -1.14 -3.79 -5.35
C LYS A 54 -0.46 -4.63 -6.40
N ASN A 55 -1.20 -5.56 -6.99
CA ASN A 55 -0.63 -6.40 -8.03
C ASN A 55 -0.36 -5.60 -9.29
N VAL A 56 -1.27 -4.71 -9.69
CA VAL A 56 -1.04 -3.90 -10.88
C VAL A 56 0.19 -3.01 -10.69
N VAL A 57 0.21 -2.22 -9.63
CA VAL A 57 1.34 -1.31 -9.43
C VAL A 57 2.60 -2.09 -9.11
N GLY A 58 2.50 -3.27 -8.51
CA GLY A 58 3.70 -4.05 -8.23
C GLY A 58 4.42 -4.47 -9.49
N GLY A 59 3.67 -4.89 -10.51
CA GLY A 59 4.29 -5.22 -11.77
C GLY A 59 4.93 -3.99 -12.42
N GLN A 60 4.27 -2.85 -12.31
CA GLN A 60 4.83 -1.63 -12.87
C GLN A 60 6.10 -1.22 -12.15
N ARG A 61 6.12 -1.32 -10.83
CA ARG A 61 7.31 -0.96 -10.05
C ARG A 61 8.46 -1.89 -10.37
N ALA A 62 8.21 -3.17 -10.48
CA ALA A 62 9.27 -4.10 -10.85
C ALA A 62 9.84 -3.77 -12.22
N ALA A 63 8.97 -3.43 -13.18
CA ALA A 63 9.44 -3.06 -14.53
C ALA A 63 10.24 -1.78 -14.49
N TRP A 64 9.74 -0.77 -13.77
CA TRP A 64 10.44 0.49 -13.65
C TRP A 64 11.83 0.31 -13.06
N ARG A 65 11.97 -0.58 -12.06
CA ARG A 65 13.27 -0.78 -11.44
C ARG A 65 14.24 -1.44 -12.41
N VAL A 66 13.76 -2.38 -13.20
CA VAL A 66 14.60 -3.01 -14.23
C VAL A 66 15.09 -1.96 -15.22
N LEU A 67 14.18 -1.14 -15.73
CA LEU A 67 14.51 -0.16 -16.75
C LEU A 67 15.39 0.94 -16.17
N SER A 68 15.12 1.39 -14.95
N SER A 68 15.12 1.39 -14.95
CA SER A 68 15.94 2.41 -14.31
CA SER A 68 15.97 2.41 -14.34
C SER A 68 17.37 1.91 -14.14
C SER A 68 17.38 1.90 -14.15
N SER A 69 17.53 0.64 -13.75
CA SER A 69 18.86 0.06 -13.59
C SER A 69 19.61 0.04 -14.92
N ILE A 70 18.94 -0.36 -16.00
CA ILE A 70 19.55 -0.38 -17.33
C ILE A 70 19.94 1.04 -17.74
N GLU A 71 19.06 2.01 -17.46
CA GLU A 71 19.31 3.39 -17.83
C GLU A 71 20.50 3.96 -17.08
N GLN A 72 20.65 3.58 -15.80
CA GLN A 72 21.75 4.09 -15.00
C GLN A 72 23.09 3.56 -15.48
N LYS A 73 23.13 2.30 -15.94
CA LYS A 73 24.37 1.74 -16.46
C LYS A 73 24.77 2.42 -17.78
N SER A 74 23.79 2.73 -18.63
CA SER A 74 24.09 3.39 -19.89
C SER A 74 24.64 4.80 -19.72
N ASN A 75 24.60 5.35 -18.49
CA ASN A 75 25.13 6.68 -18.23
C ASN A 75 26.33 6.58 -17.31
N GLY A 83 21.37 5.68 -27.30
CA GLY A 83 20.18 6.27 -27.87
C GLY A 83 19.11 6.55 -26.81
N PRO A 84 18.01 7.18 -27.22
CA PRO A 84 17.00 7.60 -26.24
C PRO A 84 16.04 6.50 -25.81
N GLU A 85 16.19 5.27 -26.29
CA GLU A 85 15.13 4.27 -26.15
C GLU A 85 14.90 3.86 -24.70
N VAL A 86 15.97 3.60 -23.94
CA VAL A 86 15.81 3.16 -22.56
C VAL A 86 15.12 4.25 -21.74
N ARG A 87 15.57 5.49 -21.87
CA ARG A 87 14.93 6.59 -21.16
C ARG A 87 13.48 6.73 -21.58
N GLU A 88 13.20 6.69 -22.88
CA GLU A 88 11.84 6.86 -23.36
C GLU A 88 10.94 5.76 -22.80
N TYR A 89 11.43 4.53 -22.77
CA TYR A 89 10.58 3.43 -22.32
C TYR A 89 10.40 3.46 -20.80
N ARG A 90 11.47 3.80 -20.05
CA ARG A 90 11.32 4.00 -18.62
C ARG A 90 10.31 5.10 -18.33
N GLU A 91 10.35 6.18 -19.10
CA GLU A 91 9.39 7.25 -18.92
C GLU A 91 7.97 6.78 -19.21
N LYS A 92 7.80 5.93 -20.21
CA LYS A 92 6.47 5.43 -20.53
C LYS A 92 5.92 4.60 -19.37
N VAL A 93 6.73 3.70 -18.84
CA VAL A 93 6.30 2.89 -17.71
C VAL A 93 6.05 3.76 -16.49
N GLU A 94 6.91 4.75 -16.27
CA GLU A 94 6.72 5.67 -15.14
C GLU A 94 5.41 6.42 -15.24
N THR A 95 5.06 6.90 -16.43
CA THR A 95 3.80 7.62 -16.62
C THR A 95 2.62 6.71 -16.35
N GLU A 96 2.69 5.46 -16.80
CA GLU A 96 1.61 4.51 -16.54
CA GLU A 96 1.60 4.53 -16.55
C GLU A 96 1.46 4.23 -15.05
N LEU A 97 2.59 4.04 -14.36
CA LEU A 97 2.58 3.84 -12.91
C LEU A 97 1.96 5.04 -12.20
N GLN A 98 2.35 6.25 -12.58
CA GLN A 98 1.79 7.44 -11.98
C GLN A 98 0.29 7.52 -12.24
N GLY A 99 -0.15 7.10 -13.41
CA GLY A 99 -1.57 7.11 -13.71
C GLY A 99 -2.37 6.15 -12.83
N VAL A 100 -1.82 4.97 -12.56
CA VAL A 100 -2.48 4.03 -11.66
C VAL A 100 -2.52 4.59 -10.25
N CYS A 101 -1.41 5.15 -9.77
CA CYS A 101 -1.41 5.73 -8.44
C CYS A 101 -2.41 6.87 -8.35
N ASP A 102 -2.49 7.73 -9.37
CA ASP A 102 -3.46 8.83 -9.38
C ASP A 102 -4.88 8.30 -9.36
N THR A 103 -5.15 7.20 -10.05
CA THR A 103 -6.48 6.60 -10.03
C THR A 103 -6.85 6.18 -8.62
N VAL A 104 -5.94 5.46 -7.94
CA VAL A 104 -6.23 4.98 -6.59
C VAL A 104 -6.43 6.16 -5.66
N LEU A 105 -5.52 7.15 -5.71
CA LEU A 105 -5.64 8.32 -4.86
C LEU A 105 -6.95 9.05 -5.13
N GLY A 106 -7.39 9.06 -6.39
CA GLY A 106 -8.65 9.71 -6.71
C GLY A 106 -9.85 8.99 -6.13
N LEU A 107 -9.82 7.66 -6.12
CA LEU A 107 -10.90 6.92 -5.47
C LEU A 107 -10.91 7.19 -3.97
N LEU A 108 -9.74 7.26 -3.36
CA LEU A 108 -9.65 7.54 -1.93
C LEU A 108 -10.18 8.93 -1.59
N ASP A 109 -9.86 9.91 -2.43
CA ASP A 109 -10.29 11.28 -2.20
C ASP A 109 -11.73 11.55 -2.64
N SER A 110 -12.28 10.72 -3.49
CA SER A 110 -13.63 10.92 -4.04
C SER A 110 -14.34 9.58 -4.10
N HIS A 111 -14.85 9.06 -2.96
CA HIS A 111 -14.96 9.73 -1.68
C HIS A 111 -14.77 8.75 -0.52
N LEU A 112 -13.90 7.76 -0.70
CA LEU A 112 -13.78 6.68 0.27
C LEU A 112 -13.36 7.18 1.65
N ILE A 113 -12.35 8.04 1.73
CA ILE A 113 -11.85 8.46 3.04
C ILE A 113 -12.92 9.26 3.78
N LYS A 114 -13.53 10.25 3.12
CA LYS A 114 -14.44 11.13 3.85
C LYS A 114 -15.67 10.38 4.35
N GLU A 115 -16.06 9.30 3.68
CA GLU A 115 -17.22 8.54 4.13
C GLU A 115 -16.87 7.46 5.13
N ALA A 116 -15.59 7.24 5.41
CA ALA A 116 -15.15 6.19 6.34
C ALA A 116 -15.16 6.72 7.77
N GLY A 117 -16.16 6.32 8.55
CA GLY A 117 -16.25 6.74 9.93
C GLY A 117 -15.61 5.77 10.91
N ASP A 118 -15.74 4.47 10.63
CA ASP A 118 -15.15 3.50 11.53
C ASP A 118 -13.65 3.55 11.45
N ALA A 119 -12.99 3.21 12.54
CA ALA A 119 -11.53 3.23 12.56
C ALA A 119 -10.95 2.23 11.58
N GLU A 120 -11.53 1.03 11.47
CA GLU A 120 -10.96 0.00 10.61
C GLU A 120 -10.97 0.47 9.17
N SER A 121 -12.05 1.09 8.73
N SER A 121 -12.06 1.09 8.73
CA SER A 121 -12.10 1.53 7.34
CA SER A 121 -12.16 1.56 7.36
C SER A 121 -11.26 2.78 7.12
C SER A 121 -11.24 2.77 7.15
N ARG A 122 -11.30 3.75 8.04
CA ARG A 122 -10.54 4.97 7.85
C ARG A 122 -9.05 4.71 7.86
N VAL A 123 -8.58 3.87 8.80
CA VAL A 123 -7.16 3.51 8.85
C VAL A 123 -6.74 2.78 7.58
N PHE A 124 -7.58 1.85 7.12
CA PHE A 124 -7.26 1.12 5.90
C PHE A 124 -7.04 2.08 4.74
N TYR A 125 -7.96 3.03 4.55
CA TYR A 125 -7.85 3.93 3.40
C TYR A 125 -6.70 4.92 3.55
N LEU A 126 -6.44 5.40 4.75
CA LEU A 126 -5.33 6.33 4.96
C LEU A 126 -3.99 5.62 4.75
N LYS A 127 -3.87 4.37 5.18
CA LYS A 127 -2.70 3.57 4.86
C LYS A 127 -2.53 3.45 3.35
N MET A 128 -3.62 3.13 2.63
CA MET A 128 -3.52 3.05 1.18
C MET A 128 -3.06 4.37 0.59
N LYS A 129 -3.57 5.48 1.08
CA LYS A 129 -3.13 6.79 0.62
C LYS A 129 -1.62 6.94 0.81
N GLY A 130 -1.12 6.60 2.00
CA GLY A 130 0.32 6.64 2.22
C GLY A 130 1.10 5.77 1.25
N ASP A 131 0.60 4.57 1.02
CA ASP A 131 1.26 3.62 0.14
C ASP A 131 1.36 4.14 -1.28
N TYR A 132 0.27 4.68 -1.83
CA TYR A 132 0.30 5.12 -3.24
C TYR A 132 1.06 6.42 -3.39
N TYR A 133 1.08 7.31 -2.40
CA TYR A 133 2.03 8.42 -2.45
C TYR A 133 3.47 7.92 -2.34
N ARG A 134 3.71 6.87 -1.54
CA ARG A 134 5.05 6.29 -1.46
C ARG A 134 5.50 5.77 -2.82
N TYR A 135 4.61 5.09 -3.55
CA TYR A 135 4.99 4.58 -4.87
C TYR A 135 5.26 5.73 -5.82
N LEU A 136 4.49 6.83 -5.74
CA LEU A 136 4.83 8.03 -6.51
C LEU A 136 6.20 8.58 -6.12
N ALA A 137 6.54 8.56 -4.83
CA ALA A 137 7.79 9.12 -4.39
C ALA A 137 8.97 8.31 -4.90
N GLU A 138 8.78 7.00 -5.11
CA GLU A 138 9.85 6.15 -5.59
C GLU A 138 10.37 6.60 -6.95
N VAL A 139 9.51 7.22 -7.77
CA VAL A 139 9.86 7.63 -9.13
C VAL A 139 9.98 9.13 -9.27
N ALA A 140 9.73 9.88 -8.20
CA ALA A 140 9.74 11.33 -8.28
C ALA A 140 11.16 11.87 -8.13
N THR A 141 11.35 13.09 -8.60
CA THR A 141 12.63 13.77 -8.46
C THR A 141 12.43 15.19 -7.96
N GLY A 142 13.38 15.66 -7.14
CA GLY A 142 13.45 17.05 -6.74
C GLY A 142 12.17 17.57 -6.09
N ASP A 144 9.11 18.57 -5.87
CA ASP A 144 8.02 17.71 -6.34
C ASP A 144 8.05 16.39 -5.58
N LYS A 145 9.25 15.79 -5.54
CA LYS A 145 9.49 14.66 -4.65
C LYS A 145 9.22 15.04 -3.20
N LYS A 146 9.65 16.24 -2.78
CA LYS A 146 9.45 16.66 -1.40
C LYS A 146 7.98 16.73 -1.04
N ARG A 147 7.17 17.23 -1.96
CA ARG A 147 5.75 17.41 -1.67
C ARG A 147 5.04 16.06 -1.61
N ILE A 148 5.42 15.15 -2.51
CA ILE A 148 4.85 13.80 -2.50
C ILE A 148 5.21 13.10 -1.20
N ILE A 149 6.46 13.24 -0.77
CA ILE A 149 6.89 12.62 0.48
C ILE A 149 6.07 13.15 1.65
N ASP A 150 5.81 14.46 1.70
CA ASP A 150 5.05 14.97 2.82
CA ASP A 150 5.03 15.00 2.80
C ASP A 150 3.60 14.48 2.79
N SER A 151 3.04 14.31 1.61
CA SER A 151 1.69 13.75 1.50
C SER A 151 1.64 12.31 2.00
N ALA A 152 2.64 11.50 1.67
CA ALA A 152 2.68 10.12 2.18
C ALA A 152 2.81 10.14 3.69
N ARG A 153 3.73 10.95 4.20
CA ARG A 153 3.95 11.02 5.64
C ARG A 153 2.70 11.44 6.38
N SER A 154 1.99 12.43 5.86
CA SER A 154 0.80 12.94 6.53
C SER A 154 -0.29 11.86 6.60
N ALA A 155 -0.49 11.13 5.50
CA ALA A 155 -1.51 10.07 5.50
C ALA A 155 -1.13 8.97 6.47
N TYR A 156 0.12 8.50 6.41
CA TYR A 156 0.55 7.46 7.35
C TYR A 156 0.43 7.92 8.79
N GLN A 157 0.80 9.17 9.08
CA GLN A 157 0.76 9.63 10.45
C GLN A 157 -0.67 9.71 10.97
N GLU A 158 -1.61 10.21 10.16
CA GLU A 158 -2.99 10.24 10.60
C GLU A 158 -3.50 8.82 10.86
N ALA A 159 -3.14 7.89 9.98
CA ALA A 159 -3.55 6.51 10.17
C ALA A 159 -2.98 5.95 11.48
N MET A 160 -1.71 6.24 11.75
CA MET A 160 -1.07 5.79 12.98
C MET A 160 -1.78 6.34 14.20
N ASP A 161 -2.11 7.63 14.17
CA ASP A 161 -2.74 8.24 15.33
C ASP A 161 -4.09 7.58 15.64
N ILE A 162 -4.89 7.32 14.60
CA ILE A 162 -6.17 6.65 14.80
C ILE A 162 -5.96 5.23 15.27
N SER A 163 -5.01 4.52 14.67
CA SER A 163 -4.82 3.10 14.98
C SER A 163 -4.36 2.92 16.42
N LYS A 164 -3.54 3.83 16.92
CA LYS A 164 -3.06 3.72 18.30
C LYS A 164 -4.18 3.99 19.28
N LYS A 165 -5.14 4.84 18.94
CA LYS A 165 -6.25 5.13 19.82
C LYS A 165 -7.34 4.07 19.75
N GLU A 166 -7.55 3.42 18.59
CA GLU A 166 -8.73 2.63 18.34
C GLU A 166 -8.52 1.14 18.12
N MET A 167 -7.29 0.68 17.91
CA MET A 167 -7.06 -0.73 17.61
C MET A 167 -6.03 -1.31 18.55
N PRO A 168 -6.11 -2.61 18.84
CA PRO A 168 -5.05 -3.26 19.64
C PRO A 168 -3.76 -3.38 18.86
N PRO A 169 -2.62 -3.53 19.55
CA PRO A 169 -1.33 -3.56 18.84
C PRO A 169 -1.15 -4.75 17.92
N THR A 170 -1.97 -5.79 18.03
CA THR A 170 -1.87 -6.95 17.18
C THR A 170 -2.79 -6.89 15.96
N ASN A 171 -3.63 -5.86 15.85
CA ASN A 171 -4.55 -5.81 14.74
C ASN A 171 -3.77 -5.82 13.42
N PRO A 172 -4.11 -6.71 12.47
CA PRO A 172 -3.30 -6.81 11.26
C PRO A 172 -3.23 -5.54 10.43
N ILE A 173 -4.28 -4.72 10.43
CA ILE A 173 -4.22 -3.47 9.69
C ILE A 173 -3.22 -2.53 10.35
N ARG A 174 -3.28 -2.43 11.68
CA ARG A 174 -2.32 -1.60 12.43
C ARG A 174 -0.90 -2.07 12.21
N LEU A 175 -0.68 -3.39 12.23
CA LEU A 175 0.65 -3.92 12.00
C LEU A 175 1.13 -3.64 10.58
N GLY A 176 0.27 -3.86 9.58
CA GLY A 176 0.68 -3.60 8.21
C GLY A 176 0.94 -2.13 7.95
N LEU A 177 0.16 -1.26 8.59
CA LEU A 177 0.41 0.19 8.53
C LEU A 177 1.78 0.52 9.07
N ALA A 178 2.10 0.02 10.28
CA ALA A 178 3.38 0.34 10.88
C ALA A 178 4.53 -0.21 10.07
N LEU A 179 4.37 -1.43 9.55
CA LEU A 179 5.36 -1.99 8.64
C LEU A 179 5.63 -1.07 7.46
N ASN A 180 4.56 -0.66 6.75
CA ASN A 180 4.75 0.14 5.55
C ASN A 180 5.28 1.53 5.88
N PHE A 181 4.87 2.12 7.00
CA PHE A 181 5.42 3.42 7.42
C PHE A 181 6.91 3.28 7.72
N SER A 182 7.31 2.15 8.32
CA SER A 182 8.73 1.93 8.59
C SER A 182 9.51 1.84 7.29
N VAL A 183 8.95 1.15 6.28
CA VAL A 183 9.58 1.10 4.96
C VAL A 183 9.68 2.48 4.35
N PHE A 184 8.62 3.28 4.46
CA PHE A 184 8.68 4.68 4.03
C PHE A 184 9.86 5.39 4.67
N HIS A 185 10.01 5.27 6.00
CA HIS A 185 11.11 5.97 6.67
C HIS A 185 12.46 5.50 6.15
N TYR A 186 12.63 4.20 5.94
CA TYR A 186 13.94 3.69 5.57
C TYR A 186 14.27 3.96 4.10
N GLU A 187 13.32 3.72 3.21
CA GLU A 187 13.59 3.73 1.77
C GLU A 187 13.30 5.06 1.10
N ILE A 188 12.42 5.88 1.64
CA ILE A 188 11.96 7.10 0.98
C ILE A 188 12.48 8.34 1.71
N ALA A 189 12.31 8.39 3.03
CA ALA A 189 12.51 9.60 3.81
C ALA A 189 13.93 9.71 4.34
N ASN A 190 14.79 8.74 4.05
CA ASN A 190 16.17 8.73 4.55
C ASN A 190 16.21 8.90 6.07
N SER A 191 15.34 8.16 6.77
CA SER A 191 15.24 8.19 8.22
C SER A 191 15.37 6.76 8.73
N PRO A 192 16.52 6.11 8.53
CA PRO A 192 16.64 4.70 8.93
C PRO A 192 16.49 4.49 10.42
N GLU A 193 16.89 5.43 11.26
CA GLU A 193 16.72 5.22 12.68
C GLU A 193 15.26 5.29 13.07
N GLU A 194 14.47 6.14 12.42
CA GLU A 194 13.03 6.18 12.67
C GLU A 194 12.40 4.86 12.23
N ALA A 195 12.84 4.33 11.10
CA ALA A 195 12.34 3.04 10.62
C ALA A 195 12.59 1.94 11.62
N ILE A 196 13.82 1.86 12.13
CA ILE A 196 14.20 0.82 13.07
C ILE A 196 13.44 0.98 14.37
N SER A 197 13.30 2.20 14.86
CA SER A 197 12.58 2.44 16.12
CA SER A 197 12.58 2.42 16.12
C SER A 197 11.11 2.05 15.97
N LEU A 198 10.48 2.42 14.87
CA LEU A 198 9.07 2.08 14.68
C LEU A 198 8.89 0.58 14.55
N ALA A 199 9.73 -0.09 13.81
CA ALA A 199 9.59 -1.53 13.65
C ALA A 199 9.78 -2.25 14.99
N LYS A 200 10.76 -1.81 15.79
CA LYS A 200 11.03 -2.46 17.07
C LYS A 200 9.89 -2.24 18.04
N THR A 201 9.41 -1.01 18.16
CA THR A 201 8.33 -0.75 19.10
C THR A 201 7.05 -1.46 18.68
N THR A 202 6.76 -1.48 17.39
CA THR A 202 5.58 -2.18 16.89
C THR A 202 5.67 -3.66 17.23
N PHE A 203 6.82 -4.27 16.97
CA PHE A 203 7.01 -5.69 17.20
C PHE A 203 6.82 -6.01 18.68
N ASP A 204 7.44 -5.23 19.55
CA ASP A 204 7.42 -5.51 20.98
C ASP A 204 6.02 -5.32 21.56
N GLU A 205 5.30 -4.29 21.11
CA GLU A 205 3.97 -4.08 21.63
C GLU A 205 3.01 -5.17 21.15
N ALA A 206 3.20 -5.65 19.94
CA ALA A 206 2.39 -6.76 19.44
C ALA A 206 2.70 -8.04 20.22
N MET A 207 3.98 -8.32 20.46
CA MET A 207 4.37 -9.51 21.20
C MET A 207 3.65 -9.58 22.52
N ALA A 208 3.56 -8.47 23.21
CA ALA A 208 2.98 -8.41 24.54
C ALA A 208 1.47 -8.52 24.52
N ASP A 209 0.85 -8.48 23.35
CA ASP A 209 -0.61 -8.60 23.20
C ASP A 209 -1.03 -9.93 22.58
N LEU A 210 -0.09 -10.77 22.17
CA LEU A 210 -0.45 -12.04 21.54
C LEU A 210 -1.28 -12.92 22.45
N HIS A 211 -1.09 -12.82 23.77
CA HIS A 211 -1.79 -13.71 24.70
C HIS A 211 -3.29 -13.53 24.64
N THR A 212 -3.78 -12.44 24.05
CA THR A 212 -5.21 -12.16 24.01
C THR A 212 -5.90 -12.80 22.82
N LEU A 213 -5.16 -13.41 21.90
CA LEU A 213 -5.64 -13.79 20.59
C LEU A 213 -6.01 -15.26 20.51
N SER A 214 -7.00 -15.55 19.67
CA SER A 214 -7.32 -16.91 19.26
C SER A 214 -6.21 -17.46 18.39
N GLU A 215 -6.23 -18.78 18.15
CA GLU A 215 -5.23 -19.42 17.32
C GLU A 215 -5.20 -18.81 15.92
N ASP A 216 -6.36 -18.51 15.35
CA ASP A 216 -6.42 -17.94 14.00
C ASP A 216 -5.85 -16.52 13.98
N SER A 217 -6.28 -15.68 14.91
CA SER A 217 -5.77 -14.32 14.98
C SER A 217 -4.27 -14.31 15.26
N TYR A 218 -3.81 -15.21 16.13
CA TYR A 218 -2.38 -15.34 16.41
C TYR A 218 -1.58 -15.59 15.14
N LYS A 219 -2.08 -16.47 14.27
CA LYS A 219 -1.40 -16.72 13.00
C LYS A 219 -1.37 -15.48 12.13
N ASP A 220 -2.49 -14.76 12.05
CA ASP A 220 -2.56 -13.54 11.26
C ASP A 220 -1.52 -12.52 11.73
N SER A 221 -1.49 -12.25 13.04
CA SER A 221 -0.61 -11.22 13.58
C SER A 221 0.85 -11.62 13.48
N THR A 222 1.17 -12.88 13.83
CA THR A 222 2.57 -13.29 13.81
C THR A 222 3.14 -13.31 12.39
N LEU A 223 2.31 -13.55 11.37
CA LEU A 223 2.85 -13.50 10.01
C LEU A 223 3.37 -12.11 9.67
N ILE A 224 2.65 -11.07 10.08
CA ILE A 224 3.11 -9.72 9.77
C ILE A 224 4.30 -9.35 10.64
N MET A 225 4.29 -9.78 11.91
CA MET A 225 5.42 -9.53 12.79
C MET A 225 6.70 -10.12 12.21
N GLN A 226 6.59 -11.22 11.47
CA GLN A 226 7.78 -11.81 10.87
C GLN A 226 8.41 -10.86 9.87
N LEU A 227 7.59 -10.12 9.12
CA LEU A 227 8.13 -9.14 8.18
C LEU A 227 8.83 -7.99 8.91
N LEU A 228 8.28 -7.53 10.04
CA LEU A 228 8.98 -6.53 10.83
C LEU A 228 10.36 -7.05 11.26
N ARG A 229 10.41 -8.31 11.71
N ARG A 229 10.41 -8.29 11.76
CA ARG A 229 11.68 -8.87 12.18
CA ARG A 229 11.69 -8.86 12.17
C ARG A 229 12.66 -9.03 11.02
C ARG A 229 12.66 -8.93 10.99
N ASP A 230 12.17 -9.44 9.85
CA ASP A 230 13.05 -9.59 8.70
C ASP A 230 13.68 -8.25 8.32
N ASN A 231 12.88 -7.17 8.34
CA ASN A 231 13.43 -5.86 8.04
C ASN A 231 14.45 -5.44 9.09
N LEU A 232 14.15 -5.68 10.36
CA LEU A 232 15.11 -5.30 11.39
C LEU A 232 16.43 -6.02 11.20
N THR A 233 16.37 -7.28 10.77
CA THR A 233 17.57 -8.04 10.48
C THR A 233 18.35 -7.44 9.32
N LEU A 234 17.64 -7.04 8.26
CA LEU A 234 18.29 -6.42 7.12
C LEU A 234 18.83 -5.04 7.46
N TRP A 235 18.15 -4.30 8.34
CA TRP A 235 18.52 -2.94 8.63
C TRP A 235 19.59 -2.83 9.71
N THR A 236 19.83 -3.91 10.45
CA THR A 236 20.83 -3.94 11.51
C THR A 236 21.64 -5.23 11.38
N VAL B 3 19.70 -5.27 -0.52
CA VAL B 3 18.35 -5.78 -0.78
C VAL B 3 17.31 -4.79 -0.25
N ARG B 4 16.13 -4.81 -0.86
CA ARG B 4 15.09 -3.84 -0.51
C ARG B 4 14.26 -4.33 0.67
N SER B 5 13.69 -3.38 1.38
CA SER B 5 12.87 -3.67 2.55
C SER B 5 11.57 -4.34 2.15
N LEU B 6 11.04 -5.15 3.06
CA LEU B 6 9.80 -5.86 2.81
C LEU B 6 8.61 -5.05 3.28
N GLU B 8 4.09 -4.77 3.37
CA GLU B 8 2.98 -5.63 3.73
C GLU B 8 2.62 -6.49 2.53
N ARG B 9 2.46 -7.80 2.76
CA ARG B 9 2.09 -8.74 1.72
C ARG B 9 0.60 -9.06 1.84
N LEU B 10 0.05 -9.57 0.75
CA LEU B 10 -1.39 -9.80 0.66
C LEU B 10 -1.75 -11.11 1.35
#